data_9IBY
#
_entry.id   9IBY
#
_cell.length_a   61.793
_cell.length_b   57.472
_cell.length_c   72.447
_cell.angle_alpha   90.000
_cell.angle_beta   96.406
_cell.angle_gamma   90.000
#
_symmetry.space_group_name_H-M   'P 1 21 1'
#
loop_
_entity.id
_entity.type
_entity.pdbx_description
1 polymer 'Genome polyprotein'
2 non-polymer 1-[3-[[5-(4,6-dimethylpyrimidin-5-yl)pyridin-2-yl]methyl]-1-oxa-2,3$l^{4}-diazacyclopenta-2,4-dien-5-yl]-3-[3-(trifluoromethyl)phenyl]urea
3 non-polymer 'ACETIC ACID'
4 water water
#
_entity_poly.entity_id   1
_entity_poly.type   'polypeptide(L)'
_entity_poly.pdbx_seq_one_letter_code
;GSHMVDMYIERAGDITWEKDAEVTGNSPRLDVALDESGDFSLVEDDGPPMAGGGGSGGGGSGALWDVPAPKEVKKGETTD
GVYRVMTRGLLGSTQVGVGVMQEGVFHTMWHVTKGSALRSGEGRLDPYWGDVKQDLVSYCGPWKLDAAWDGHSEVQLLAV
PPGERARNIQTLPGIFKTKDGDIGAVALDYPAGTSGSPILDK(CAF)GRVIGLYGNGVVIKNGSYVSAITQGRR
;
_entity_poly.pdbx_strand_id   A,B
#
loop_
_chem_comp.id
_chem_comp.type
_chem_comp.name
_chem_comp.formula
A1I16 non-polymer 1-[3-[[5-(4,6-dimethylpyrimidin-5-yl)pyridin-2-yl]methyl]-1-oxa-2,3$l^{4}-diazacyclopenta-2,4-dien-5-yl]-3-[3-(trifluoromethyl)phenyl]urea 'C22 H19 F3 N7 O2 1'
ACY non-polymer 'ACETIC ACID' 'C2 H4 O2'
#
# COMPACT_ATOMS: atom_id res chain seq x y z
N ASP A 6 -2.04 31.71 -7.97
CA ASP A 6 -3.34 31.55 -8.67
C ASP A 6 -3.76 30.08 -8.62
N MET A 7 -4.86 29.81 -7.92
CA MET A 7 -5.27 28.47 -7.52
C MET A 7 -6.75 28.29 -7.85
N TYR A 8 -7.11 27.15 -8.46
CA TYR A 8 -8.46 26.93 -8.96
C TYR A 8 -8.83 25.45 -8.93
N ILE A 9 -10.14 25.15 -9.05
CA ILE A 9 -10.65 23.79 -9.12
C ILE A 9 -11.23 23.54 -10.50
N GLU A 10 -11.20 22.26 -10.92
CA GLU A 10 -11.92 21.82 -12.10
C GLU A 10 -12.50 20.42 -11.83
N ARG A 11 -13.71 20.18 -12.34
CA ARG A 11 -14.44 18.96 -12.06
C ARG A 11 -13.74 17.77 -12.73
N ALA A 12 -13.87 16.61 -12.10
CA ALA A 12 -13.15 15.41 -12.51
C ALA A 12 -14.07 14.18 -12.58
N GLY A 13 -15.26 14.25 -11.96
CA GLY A 13 -16.23 13.18 -12.04
C GLY A 13 -17.34 13.32 -11.01
N ASP A 14 -18.29 12.38 -11.05
CA ASP A 14 -19.35 12.24 -10.07
C ASP A 14 -18.77 11.47 -8.88
N ILE A 15 -19.49 11.45 -7.76
CA ILE A 15 -19.08 10.70 -6.58
C ILE A 15 -20.02 9.52 -6.41
N THR A 16 -19.59 8.35 -6.93
CA THR A 16 -20.42 7.16 -6.93
C THR A 16 -19.63 5.99 -6.35
N TRP A 17 -20.34 5.11 -5.63
CA TRP A 17 -19.87 3.75 -5.40
C TRP A 17 -20.02 2.97 -6.71
N GLU A 18 -18.95 2.27 -7.12
CA GLU A 18 -18.97 1.49 -8.35
C GLU A 18 -19.02 0.00 -8.02
N LYS A 19 -20.02 -0.70 -8.56
CA LYS A 19 -19.95 -2.14 -8.71
C LYS A 19 -18.92 -2.45 -9.81
N ASP A 20 -18.15 -3.53 -9.63
CA ASP A 20 -17.07 -3.93 -10.52
C ASP A 20 -15.81 -3.07 -10.32
N ALA A 21 -15.63 -2.48 -9.13
CA ALA A 21 -14.41 -1.76 -8.77
C ALA A 21 -13.32 -2.76 -8.37
N GLU A 22 -12.05 -2.32 -8.48
CA GLU A 22 -10.89 -3.12 -8.15
C GLU A 22 -10.87 -3.46 -6.66
N VAL A 23 -10.73 -4.76 -6.33
CA VAL A 23 -10.74 -5.24 -4.95
C VAL A 23 -9.38 -5.92 -4.70
N GLY A 76 -19.35 31.16 -8.88
CA GLY A 76 -18.57 30.04 -9.43
C GLY A 76 -19.37 28.73 -9.43
N GLU A 77 -18.97 27.79 -10.32
CA GLU A 77 -19.69 26.54 -10.52
C GLU A 77 -19.63 25.71 -9.23
N THR A 78 -20.80 25.25 -8.78
CA THR A 78 -20.96 24.55 -7.50
C THR A 78 -21.62 23.19 -7.72
N THR A 79 -21.35 22.54 -8.88
CA THR A 79 -21.97 21.27 -9.22
C THR A 79 -21.40 20.19 -8.31
N ASP A 80 -22.28 19.40 -7.68
CA ASP A 80 -21.85 18.24 -6.90
C ASP A 80 -20.86 17.41 -7.72
N GLY A 81 -19.83 16.90 -7.05
CA GLY A 81 -18.83 16.06 -7.70
C GLY A 81 -17.47 16.17 -7.01
N VAL A 82 -16.47 15.53 -7.62
CA VAL A 82 -15.11 15.49 -7.10
C VAL A 82 -14.25 16.35 -8.03
N TYR A 83 -13.37 17.17 -7.43
CA TYR A 83 -12.66 18.21 -8.16
C TYR A 83 -11.16 18.10 -7.93
N ARG A 84 -10.39 18.38 -8.99
CA ARG A 84 -8.95 18.58 -8.88
C ARG A 84 -8.72 19.98 -8.33
N VAL A 85 -7.79 20.13 -7.38
CA VAL A 85 -7.34 21.43 -6.92
C VAL A 85 -6.01 21.72 -7.62
N MET A 86 -6.01 22.77 -8.45
CA MET A 86 -4.92 23.06 -9.35
C MET A 86 -4.30 24.38 -8.93
N THR A 87 -2.97 24.50 -9.11
CA THR A 87 -2.28 25.78 -8.99
C THR A 87 -1.58 26.07 -10.31
N ARG A 88 -1.73 27.31 -10.82
CA ARG A 88 -1.06 27.69 -12.06
C ARG A 88 -0.06 28.82 -11.80
N GLY A 89 0.91 28.90 -12.72
CA GLY A 89 1.89 29.97 -12.79
C GLY A 89 2.33 30.17 -14.24
N LEU A 90 3.56 30.67 -14.43
CA LEU A 90 4.05 31.05 -15.75
C LEU A 90 4.27 29.83 -16.62
N LEU A 91 4.99 28.82 -16.09
CA LEU A 91 5.29 27.59 -16.80
C LEU A 91 4.02 26.80 -17.15
N GLY A 92 3.00 26.87 -16.29
CA GLY A 92 1.78 26.12 -16.50
C GLY A 92 1.09 25.76 -15.18
N SER A 93 0.38 24.63 -15.18
CA SER A 93 -0.54 24.27 -14.10
C SER A 93 -0.25 22.86 -13.59
N THR A 94 -0.46 22.61 -12.28
CA THR A 94 -0.36 21.28 -11.72
C THR A 94 -1.35 21.10 -10.56
N GLN A 95 -1.67 19.84 -10.26
CA GLN A 95 -2.62 19.48 -9.22
C GLN A 95 -1.92 19.41 -7.86
N VAL A 96 -2.46 20.16 -6.89
CA VAL A 96 -1.98 20.17 -5.51
C VAL A 96 -2.85 19.27 -4.63
N GLY A 97 -4.08 18.97 -5.07
CA GLY A 97 -4.92 18.06 -4.31
C GLY A 97 -6.28 17.87 -4.96
N VAL A 98 -7.20 17.29 -4.18
CA VAL A 98 -8.52 16.92 -4.63
C VAL A 98 -9.51 17.42 -3.58
N GLY A 99 -10.77 17.62 -3.99
CA GLY A 99 -11.80 17.96 -3.03
C GLY A 99 -13.18 17.46 -3.47
N VAL A 100 -14.18 17.73 -2.63
CA VAL A 100 -15.54 17.24 -2.77
C VAL A 100 -16.50 18.43 -2.76
N MET A 101 -17.27 18.58 -3.83
CA MET A 101 -18.39 19.51 -3.84
C MET A 101 -19.65 18.74 -3.45
N GLN A 102 -20.31 19.22 -2.39
CA GLN A 102 -21.52 18.59 -1.88
C GLN A 102 -22.34 19.67 -1.17
N GLU A 103 -23.64 19.77 -1.55
CA GLU A 103 -24.58 20.70 -0.94
C GLU A 103 -24.06 22.13 -1.04
N GLY A 104 -23.42 22.48 -2.17
CA GLY A 104 -22.94 23.83 -2.44
C GLY A 104 -21.64 24.20 -1.71
N VAL A 105 -21.00 23.23 -1.04
CA VAL A 105 -19.81 23.48 -0.25
C VAL A 105 -18.65 22.66 -0.81
N PHE A 106 -17.48 23.30 -0.98
CA PHE A 106 -16.28 22.60 -1.42
C PHE A 106 -15.45 22.19 -0.20
N HIS A 107 -15.17 20.88 -0.09
CA HIS A 107 -14.43 20.33 1.03
C HIS A 107 -13.08 19.84 0.53
N THR A 108 -11.99 20.30 1.16
CA THR A 108 -10.67 19.74 0.87
C THR A 108 -9.88 19.74 2.17
N MET A 109 -8.58 19.43 2.07
CA MET A 109 -7.72 19.43 3.22
C MET A 109 -7.04 20.80 3.33
N TRP A 110 -6.87 21.28 4.57
CA TRP A 110 -6.32 22.60 4.81
C TRP A 110 -4.97 22.74 4.12
N HIS A 111 -4.11 21.74 4.26
CA HIS A 111 -2.77 21.82 3.71
C HIS A 111 -2.75 21.92 2.18
N VAL A 112 -3.84 21.50 1.51
CA VAL A 112 -3.91 21.58 0.05
C VAL A 112 -3.92 23.05 -0.39
N THR A 113 -4.78 23.87 0.25
CA THR A 113 -5.02 25.25 -0.15
C THR A 113 -4.33 26.24 0.79
N LYS A 114 -4.20 25.86 2.07
CA LYS A 114 -3.72 26.73 3.14
C LYS A 114 -4.61 27.98 3.22
N GLY A 115 -5.92 27.79 2.99
CA GLY A 115 -6.90 28.86 3.15
C GLY A 115 -6.96 29.85 1.99
N SER A 116 -6.32 29.55 0.84
CA SER A 116 -6.38 30.44 -0.32
C SER A 116 -7.80 30.43 -0.90
N ALA A 117 -8.18 31.54 -1.55
CA ALA A 117 -9.39 31.56 -2.37
C ALA A 117 -9.16 30.72 -3.62
N LEU A 118 -10.25 30.17 -4.17
CA LEU A 118 -10.19 29.30 -5.34
C LEU A 118 -11.09 29.88 -6.43
N ARG A 119 -10.55 29.99 -7.65
CA ARG A 119 -11.35 30.31 -8.83
C ARG A 119 -12.13 29.04 -9.24
N SER A 120 -13.41 29.21 -9.57
CA SER A 120 -14.26 28.15 -10.09
C SER A 120 -14.93 28.63 -11.38
N GLY A 121 -14.29 28.37 -12.51
CA GLY A 121 -14.66 28.96 -13.79
C GLY A 121 -14.49 30.48 -13.75
N GLU A 122 -15.63 31.19 -13.81
CA GLU A 122 -15.66 32.65 -13.77
C GLU A 122 -15.64 33.15 -12.32
N GLY A 123 -16.24 32.40 -11.39
CA GLY A 123 -16.44 32.84 -10.02
C GLY A 123 -15.25 32.54 -9.11
N ARG A 124 -15.38 32.94 -7.84
CA ARG A 124 -14.35 32.84 -6.83
C ARG A 124 -14.99 32.26 -5.55
N LEU A 125 -14.32 31.25 -4.96
CA LEU A 125 -14.77 30.64 -3.71
C LEU A 125 -13.81 31.09 -2.59
N ASP A 126 -14.39 31.57 -1.49
CA ASP A 126 -13.63 32.01 -0.33
C ASP A 126 -13.80 30.95 0.76
N PRO A 127 -12.76 30.70 1.60
CA PRO A 127 -12.88 29.74 2.69
C PRO A 127 -13.87 30.22 3.73
N TYR A 128 -14.73 29.30 4.19
CA TYR A 128 -15.77 29.59 5.15
C TYR A 128 -15.34 29.12 6.54
N TRP A 129 -14.72 27.92 6.60
CA TRP A 129 -14.36 27.28 7.85
C TRP A 129 -13.12 26.42 7.63
N GLY A 130 -12.41 26.13 8.73
CA GLY A 130 -11.28 25.21 8.68
C GLY A 130 -10.96 24.64 10.06
N ASP A 131 -10.02 23.70 10.07
CA ASP A 131 -9.47 23.13 11.29
C ASP A 131 -8.09 22.60 10.94
N VAL A 132 -7.04 23.28 11.46
CA VAL A 132 -5.67 22.99 11.05
C VAL A 132 -5.22 21.66 11.66
N LYS A 133 -5.67 21.37 12.89
CA LYS A 133 -5.34 20.12 13.55
C LYS A 133 -5.85 18.94 12.71
N GLN A 134 -7.14 18.95 12.36
CA GLN A 134 -7.76 17.89 11.59
C GLN A 134 -7.41 17.97 10.10
N ASP A 135 -6.89 19.13 9.66
CA ASP A 135 -6.40 19.35 8.30
C ASP A 135 -7.57 19.44 7.33
N LEU A 136 -8.63 20.17 7.73
CA LEU A 136 -9.86 20.28 6.95
C LEU A 136 -10.13 21.75 6.66
N VAL A 137 -10.76 22.02 5.50
CA VAL A 137 -11.16 23.37 5.14
C VAL A 137 -12.36 23.27 4.20
N SER A 138 -13.31 24.20 4.35
CA SER A 138 -14.52 24.24 3.53
C SER A 138 -14.67 25.63 2.93
N TYR A 139 -15.35 25.68 1.79
CA TYR A 139 -15.56 26.89 1.02
C TYR A 139 -17.06 27.06 0.79
N CYS A 140 -17.54 28.30 0.97
CA CYS A 140 -18.93 28.70 0.69
C CYS A 140 -19.90 28.30 1.81
N GLY A 141 -19.50 27.45 2.75
CA GLY A 141 -20.46 27.00 3.76
C GLY A 141 -19.84 26.02 4.74
N PRO A 142 -20.60 25.57 5.77
CA PRO A 142 -20.08 24.61 6.74
C PRO A 142 -19.76 23.23 6.18
N TRP A 143 -18.96 22.48 6.95
CA TRP A 143 -18.62 21.10 6.63
C TRP A 143 -19.90 20.25 6.62
N LYS A 144 -20.21 19.66 5.45
CA LYS A 144 -21.43 18.89 5.24
C LYS A 144 -21.16 17.39 5.29
N LEU A 145 -19.89 16.97 5.35
CA LEU A 145 -19.55 15.56 5.30
C LEU A 145 -19.52 15.04 6.74
N ASP A 146 -20.63 14.42 7.17
CA ASP A 146 -20.81 13.98 8.54
C ASP A 146 -20.71 12.46 8.69
N ALA A 147 -20.65 11.73 7.55
CA ALA A 147 -20.61 10.29 7.59
C ALA A 147 -19.24 9.80 8.05
N ALA A 148 -19.18 8.55 8.54
CA ALA A 148 -17.97 7.98 9.12
C ALA A 148 -17.88 6.48 8.84
N TRP A 149 -16.65 5.95 8.87
CA TRP A 149 -16.42 4.53 8.68
C TRP A 149 -17.11 3.74 9.80
N ASP A 150 -17.72 2.60 9.46
CA ASP A 150 -18.45 1.78 10.42
C ASP A 150 -17.51 0.92 11.26
N GLY A 151 -16.26 0.75 10.81
CA GLY A 151 -15.24 0.05 11.58
C GLY A 151 -15.02 -1.38 11.14
N HIS A 152 -15.84 -1.88 10.20
CA HIS A 152 -15.76 -3.27 9.76
C HIS A 152 -15.87 -3.43 8.24
N SER A 153 -16.56 -2.52 7.54
CA SER A 153 -16.90 -2.72 6.14
C SER A 153 -15.75 -2.26 5.24
N GLU A 154 -15.70 -2.87 4.05
CA GLU A 154 -14.90 -2.37 2.95
C GLU A 154 -15.42 -1.00 2.51
N VAL A 155 -14.49 -0.17 2.01
CA VAL A 155 -14.79 1.18 1.54
C VAL A 155 -14.24 1.30 0.12
N GLN A 156 -14.49 2.44 -0.52
CA GLN A 156 -13.96 2.71 -1.84
C GLN A 156 -13.27 4.07 -1.86
N LEU A 157 -11.96 4.05 -2.14
CA LEU A 157 -11.22 5.27 -2.43
C LEU A 157 -11.55 5.68 -3.87
N LEU A 158 -12.14 6.86 -4.03
CA LEU A 158 -12.26 7.47 -5.35
C LEU A 158 -11.03 8.35 -5.57
N ALA A 159 -9.90 7.69 -5.86
CA ALA A 159 -8.63 8.35 -6.11
C ALA A 159 -8.69 9.12 -7.42
N VAL A 160 -8.16 10.34 -7.41
CA VAL A 160 -8.06 11.23 -8.57
C VAL A 160 -6.62 11.73 -8.62
N PRO A 161 -5.67 10.94 -9.17
CA PRO A 161 -4.26 11.34 -9.19
C PRO A 161 -3.96 12.46 -10.18
N PRO A 162 -2.88 13.24 -9.97
CA PRO A 162 -2.49 14.27 -10.93
C PRO A 162 -2.28 13.73 -12.35
N GLY A 163 -3.02 14.33 -13.30
CA GLY A 163 -2.91 14.01 -14.71
C GLY A 163 -3.32 12.58 -15.05
N GLU A 164 -4.27 12.02 -14.29
CA GLU A 164 -4.83 10.71 -14.58
C GLU A 164 -6.33 10.70 -14.25
N ARG A 165 -7.03 9.70 -14.80
CA ARG A 165 -8.48 9.56 -14.63
C ARG A 165 -8.81 9.22 -13.17
N ALA A 166 -9.96 9.71 -12.70
CA ALA A 166 -10.58 9.22 -11.49
C ALA A 166 -10.82 7.71 -11.60
N ARG A 167 -10.83 7.02 -10.45
CA ARG A 167 -11.10 5.59 -10.41
C ARG A 167 -11.49 5.21 -8.98
N ASN A 168 -12.30 4.15 -8.85
CA ASN A 168 -12.68 3.63 -7.55
C ASN A 168 -11.81 2.42 -7.24
N ILE A 169 -11.29 2.34 -6.01
CA ILE A 169 -10.60 1.15 -5.55
C ILE A 169 -11.28 0.71 -4.26
N GLN A 170 -11.84 -0.51 -4.27
CA GLN A 170 -12.46 -1.07 -3.08
C GLN A 170 -11.41 -1.77 -2.24
N THR A 171 -11.46 -1.58 -0.92
CA THR A 171 -10.44 -2.11 -0.03
C THR A 171 -10.99 -2.14 1.39
N LEU A 172 -10.40 -2.98 2.24
CA LEU A 172 -10.67 -2.99 3.67
C LEU A 172 -9.68 -2.07 4.36
N PRO A 173 -10.12 -1.01 5.08
CA PRO A 173 -9.21 -0.22 5.90
C PRO A 173 -8.49 -1.06 6.97
N GLY A 174 -7.21 -0.73 7.17
CA GLY A 174 -6.43 -1.30 8.25
C GLY A 174 -6.40 -0.33 9.43
N ILE A 175 -6.08 -0.87 10.61
CA ILE A 175 -5.91 -0.05 11.82
C ILE A 175 -4.43 -0.06 12.19
N PHE A 176 -3.85 1.14 12.25
CA PHE A 176 -2.45 1.37 12.56
C PHE A 176 -2.35 1.92 13.98
N LYS A 177 -1.77 1.14 14.90
CA LYS A 177 -1.69 1.51 16.31
C LYS A 177 -0.48 2.42 16.52
N THR A 178 -0.61 3.69 16.12
CA THR A 178 0.47 4.66 16.29
C THR A 178 0.48 5.13 17.75
N LYS A 179 1.53 5.87 18.11
CA LYS A 179 1.68 6.46 19.44
C LYS A 179 0.55 7.44 19.72
N ASP A 180 0.26 8.33 18.74
CA ASP A 180 -0.71 9.41 18.91
C ASP A 180 -2.12 8.84 19.10
N GLY A 181 -2.50 7.87 18.26
CA GLY A 181 -3.72 7.11 18.46
C GLY A 181 -3.75 5.87 17.57
N ASP A 182 -4.78 5.03 17.76
CA ASP A 182 -5.10 3.97 16.81
C ASP A 182 -5.83 4.61 15.63
N ILE A 183 -5.29 4.44 14.42
CA ILE A 183 -5.71 5.18 13.25
C ILE A 183 -6.15 4.18 12.17
N GLY A 184 -7.32 4.43 11.56
CA GLY A 184 -7.81 3.68 10.42
C GLY A 184 -7.42 4.37 9.12
N ALA A 185 -6.94 3.58 8.15
CA ALA A 185 -6.46 4.12 6.90
C ALA A 185 -6.52 3.06 5.80
N VAL A 186 -6.72 3.51 4.55
CA VAL A 186 -6.69 2.61 3.40
C VAL A 186 -5.23 2.34 3.09
N ALA A 187 -4.87 1.07 2.89
CA ALA A 187 -3.52 0.71 2.46
C ALA A 187 -3.41 0.84 0.94
N LEU A 188 -3.49 2.10 0.48
CA LEU A 188 -3.36 2.43 -0.93
C LEU A 188 -2.46 3.67 -0.98
N ASP A 189 -1.44 3.62 -1.85
CA ASP A 189 -0.42 4.66 -1.92
C ASP A 189 -0.55 5.32 -3.28
N TYR A 190 -0.87 6.62 -3.29
CA TYR A 190 -1.02 7.38 -4.52
C TYR A 190 -0.07 8.56 -4.49
N PRO A 191 0.29 9.13 -5.66
CA PRO A 191 1.22 10.27 -5.70
C PRO A 191 0.72 11.47 -4.89
N ALA A 192 1.65 12.38 -4.61
CA ALA A 192 1.34 13.64 -3.95
C ALA A 192 0.40 14.44 -4.85
N GLY A 193 -0.59 15.12 -4.25
CA GLY A 193 -1.62 15.81 -4.99
C GLY A 193 -2.87 14.95 -5.23
N THR A 194 -2.87 13.72 -4.70
CA THR A 194 -4.07 12.90 -4.60
C THR A 194 -4.82 13.19 -3.30
N SER A 195 -4.16 13.89 -2.36
N SER A 195 -4.16 13.89 -2.36
CA SER A 195 -4.74 14.20 -1.06
CA SER A 195 -4.76 14.18 -1.07
C SER A 195 -6.06 14.97 -1.24
C SER A 195 -6.06 14.96 -1.24
N GLY A 196 -7.07 14.59 -0.45
CA GLY A 196 -8.40 15.17 -0.56
C GLY A 196 -9.35 14.29 -1.39
N SER A 197 -8.86 13.16 -1.93
CA SER A 197 -9.68 12.24 -2.69
C SER A 197 -10.69 11.58 -1.75
N PRO A 198 -12.00 11.58 -2.07
CA PRO A 198 -13.01 11.07 -1.15
C PRO A 198 -12.97 9.56 -1.01
N ILE A 199 -13.32 9.10 0.19
CA ILE A 199 -13.45 7.69 0.49
C ILE A 199 -14.92 7.46 0.81
N LEU A 200 -15.50 6.41 0.21
CA LEU A 200 -16.94 6.21 0.18
C LEU A 200 -17.31 4.94 0.93
N ASP A 201 -18.44 5.00 1.66
CA ASP A 201 -19.11 3.82 2.18
C ASP A 201 -20.04 3.25 1.10
N LYS A 202 -20.69 2.13 1.40
CA LYS A 202 -21.48 1.37 0.44
C LYS A 202 -22.73 2.13 -0.02
N CAF A 203 -23.20 3.10 0.80
CA CAF A 203 -24.29 4.00 0.46
CB CAF A 203 -24.98 4.51 1.70
C CAF A 203 -23.82 5.21 -0.35
O CAF A 203 -24.65 6.08 -0.64
SG CAF A 203 -25.93 3.24 2.54
AS CAF A 203 -24.64 1.97 3.77
CE1 CAF A 203 -23.02 2.83 4.24
CE2 CAF A 203 -25.63 1.57 5.33
O1 CAF A 203 -24.39 0.62 2.83
N GLY A 204 -22.53 5.31 -0.68
CA GLY A 204 -22.00 6.36 -1.54
C GLY A 204 -21.67 7.64 -0.79
N ARG A 205 -21.67 7.60 0.55
CA ARG A 205 -21.42 8.78 1.35
C ARG A 205 -19.92 8.91 1.62
N VAL A 206 -19.43 10.15 1.58
CA VAL A 206 -18.02 10.44 1.84
C VAL A 206 -17.76 10.29 3.34
N ILE A 207 -16.95 9.28 3.70
CA ILE A 207 -16.63 8.99 5.09
C ILE A 207 -15.25 9.53 5.45
N GLY A 208 -14.59 10.24 4.52
CA GLY A 208 -13.28 10.78 4.76
C GLY A 208 -12.59 11.22 3.47
N LEU A 209 -11.50 11.98 3.62
CA LEU A 209 -10.67 12.37 2.51
C LEU A 209 -9.30 11.70 2.65
N TYR A 210 -8.72 11.34 1.50
CA TYR A 210 -7.45 10.63 1.44
C TYR A 210 -6.32 11.57 1.85
N GLY A 211 -5.49 11.13 2.81
CA GLY A 211 -4.29 11.86 3.14
C GLY A 211 -3.79 11.56 4.55
N ASN A 212 -4.70 11.58 5.52
CA ASN A 212 -4.32 11.55 6.93
C ASN A 212 -4.76 10.27 7.62
N GLY A 213 -6.03 9.87 7.44
CA GLY A 213 -6.61 8.75 8.16
C GLY A 213 -7.54 9.28 9.24
N VAL A 214 -8.14 8.37 10.03
CA VAL A 214 -9.24 8.73 10.91
C VAL A 214 -8.96 8.13 12.30
N VAL A 215 -9.07 8.97 13.33
CA VAL A 215 -8.79 8.57 14.70
C VAL A 215 -10.03 7.85 15.24
N ILE A 216 -9.81 6.85 16.09
CA ILE A 216 -10.89 6.03 16.64
C ILE A 216 -10.81 6.10 18.18
N GLY B 1 1.62 -26.09 -25.53
CA GLY B 1 2.56 -25.00 -25.86
C GLY B 1 3.92 -25.22 -25.21
N SER B 2 4.64 -24.11 -24.95
CA SER B 2 5.93 -24.14 -24.28
C SER B 2 5.76 -24.03 -22.77
N HIS B 3 6.53 -24.83 -22.03
CA HIS B 3 6.49 -24.89 -20.57
C HIS B 3 7.81 -24.38 -20.00
N MET B 4 7.79 -23.99 -18.73
CA MET B 4 8.99 -23.53 -18.03
C MET B 4 9.82 -24.74 -17.61
N VAL B 5 11.15 -24.60 -17.69
CA VAL B 5 12.09 -25.73 -17.67
C VAL B 5 12.93 -25.74 -16.40
N ASP B 6 13.30 -24.56 -15.88
CA ASP B 6 14.33 -24.44 -14.87
C ASP B 6 13.97 -23.33 -13.89
N MET B 7 13.80 -23.71 -12.61
CA MET B 7 13.69 -22.77 -11.50
C MET B 7 15.04 -22.69 -10.81
N TYR B 8 15.49 -21.47 -10.48
CA TYR B 8 16.78 -21.25 -9.83
C TYR B 8 16.74 -19.99 -8.97
N ILE B 9 17.66 -19.92 -7.99
CA ILE B 9 17.82 -18.76 -7.13
C ILE B 9 19.13 -18.05 -7.49
N GLU B 10 19.14 -16.73 -7.31
CA GLU B 10 20.38 -15.96 -7.35
C GLU B 10 20.33 -14.92 -6.23
N ARG B 11 21.48 -14.73 -5.58
CA ARG B 11 21.60 -13.86 -4.41
C ARG B 11 21.38 -12.41 -4.83
N ALA B 12 20.82 -11.62 -3.91
CA ALA B 12 20.44 -10.24 -4.16
C ALA B 12 20.96 -9.29 -3.09
N GLY B 13 21.34 -9.80 -1.90
CA GLY B 13 21.83 -8.94 -0.84
C GLY B 13 22.00 -9.68 0.48
N ASP B 14 22.56 -8.96 1.46
CA ASP B 14 22.61 -9.39 2.85
C ASP B 14 21.26 -9.05 3.47
N ILE B 15 20.95 -9.66 4.62
CA ILE B 15 19.71 -9.38 5.32
C ILE B 15 20.04 -8.56 6.57
N THR B 16 19.89 -7.24 6.44
CA THR B 16 20.24 -6.29 7.49
C THR B 16 19.10 -5.27 7.64
N TRP B 17 18.92 -4.79 8.87
CA TRP B 17 18.20 -3.57 9.14
C TRP B 17 19.09 -2.38 8.77
N GLU B 18 18.56 -1.45 7.97
CA GLU B 18 19.31 -0.26 7.56
C GLU B 18 18.89 0.93 8.43
N LYS B 19 19.87 1.60 9.04
CA LYS B 19 19.62 2.73 9.92
C LYS B 19 19.07 3.91 9.13
N ASP B 20 19.56 4.11 7.89
CA ASP B 20 19.05 5.15 7.00
C ASP B 20 18.13 4.51 5.96
N ALA B 21 16.85 4.30 6.34
CA ALA B 21 15.87 3.61 5.49
C ALA B 21 14.63 4.49 5.28
N GLU B 22 13.88 4.20 4.19
CA GLU B 22 12.71 4.96 3.80
C GLU B 22 11.60 4.75 4.83
N VAL B 23 11.09 5.85 5.42
CA VAL B 23 10.11 5.80 6.50
C VAL B 23 8.77 6.33 5.98
N GLY B 76 24.90 -27.19 -3.74
CA GLY B 76 24.29 -25.87 -4.06
C GLY B 76 24.60 -24.85 -2.97
N GLU B 77 24.79 -23.59 -3.39
CA GLU B 77 25.22 -22.51 -2.51
C GLU B 77 24.14 -22.24 -1.46
N THR B 78 24.55 -22.23 -0.18
CA THR B 78 23.66 -21.93 0.94
C THR B 78 24.26 -20.78 1.75
N THR B 79 24.78 -19.76 1.07
CA THR B 79 25.26 -18.55 1.72
C THR B 79 24.05 -17.80 2.28
N ASP B 80 24.11 -17.44 3.57
CA ASP B 80 23.09 -16.60 4.18
C ASP B 80 22.85 -15.38 3.29
N GLY B 81 21.59 -14.97 3.17
CA GLY B 81 21.24 -13.81 2.35
C GLY B 81 19.80 -13.92 1.83
N VAL B 82 19.40 -12.88 1.08
CA VAL B 82 18.09 -12.83 0.43
C VAL B 82 18.31 -13.11 -1.06
N TYR B 83 17.41 -13.91 -1.67
CA TYR B 83 17.59 -14.43 -3.01
C TYR B 83 16.33 -14.19 -3.85
N ARG B 84 16.55 -13.89 -5.14
CA ARG B 84 15.48 -13.89 -6.12
C ARG B 84 15.21 -15.34 -6.52
N VAL B 85 13.93 -15.70 -6.64
CA VAL B 85 13.54 -16.99 -7.20
C VAL B 85 13.11 -16.74 -8.64
N MET B 86 13.87 -17.33 -9.56
CA MET B 86 13.76 -17.08 -10.99
C MET B 86 13.31 -18.37 -11.67
N THR B 87 12.53 -18.23 -12.74
CA THR B 87 12.22 -19.34 -13.61
C THR B 87 12.61 -18.95 -15.04
N ARG B 88 13.37 -19.83 -15.73
CA ARG B 88 13.75 -19.63 -17.11
C ARG B 88 13.06 -20.65 -18.01
N GLY B 89 12.80 -20.21 -19.25
CA GLY B 89 12.24 -21.04 -20.29
C GLY B 89 12.75 -20.57 -21.65
N LEU B 90 11.93 -20.78 -22.69
CA LEU B 90 12.31 -20.47 -24.05
C LEU B 90 12.40 -18.95 -24.24
N LEU B 91 11.32 -18.24 -23.90
CA LEU B 91 11.20 -16.82 -24.21
C LEU B 91 12.10 -16.00 -23.28
N GLY B 92 12.48 -16.53 -22.10
CA GLY B 92 13.49 -15.92 -21.26
C GLY B 92 13.31 -16.27 -19.79
N SER B 93 13.64 -15.31 -18.92
CA SER B 93 13.70 -15.51 -17.47
C SER B 93 12.77 -14.51 -16.76
N THR B 94 12.16 -14.95 -15.65
CA THR B 94 11.20 -14.14 -14.93
C THR B 94 11.27 -14.48 -13.43
N GLN B 95 11.15 -13.44 -12.59
CA GLN B 95 11.25 -13.57 -11.14
C GLN B 95 9.87 -13.88 -10.59
N VAL B 96 9.74 -15.05 -9.95
CA VAL B 96 8.45 -15.55 -9.45
C VAL B 96 8.33 -15.31 -7.95
N GLY B 97 9.46 -15.02 -7.29
CA GLY B 97 9.40 -14.62 -5.90
C GLY B 97 10.79 -14.42 -5.30
N VAL B 98 10.81 -14.37 -3.97
CA VAL B 98 12.00 -14.07 -3.18
C VAL B 98 12.07 -15.09 -2.04
N GLY B 99 13.26 -15.31 -1.50
CA GLY B 99 13.40 -16.18 -0.33
C GLY B 99 14.60 -15.80 0.52
N VAL B 100 14.69 -16.47 1.67
CA VAL B 100 15.67 -16.19 2.71
C VAL B 100 16.52 -17.42 2.94
N MET B 101 17.83 -17.29 2.75
CA MET B 101 18.77 -18.31 3.19
C MET B 101 19.26 -17.96 4.60
N GLN B 102 19.07 -18.89 5.53
CA GLN B 102 19.50 -18.75 6.92
C GLN B 102 19.78 -20.12 7.50
N GLU B 103 20.97 -20.30 8.10
CA GLU B 103 21.34 -21.52 8.81
C GLU B 103 21.26 -22.72 7.87
N GLY B 104 21.67 -22.54 6.60
CA GLY B 104 21.76 -23.62 5.63
C GLY B 104 20.41 -23.99 4.99
N VAL B 105 19.33 -23.26 5.34
CA VAL B 105 17.98 -23.58 4.88
C VAL B 105 17.46 -22.41 4.04
N PHE B 106 16.86 -22.73 2.89
CA PHE B 106 16.21 -21.72 2.07
C PHE B 106 14.73 -21.67 2.41
N HIS B 107 14.20 -20.47 2.68
CA HIS B 107 12.82 -20.29 3.09
C HIS B 107 12.14 -19.42 2.04
N THR B 108 11.03 -19.91 1.47
CA THR B 108 10.23 -19.10 0.56
C THR B 108 8.76 -19.50 0.77
N MET B 109 7.90 -19.05 -0.14
CA MET B 109 6.48 -19.32 -0.04
C MET B 109 6.15 -20.47 -0.98
N TRP B 110 5.22 -21.32 -0.55
CA TRP B 110 4.89 -22.53 -1.28
C TRP B 110 4.46 -22.17 -2.70
N HIS B 111 3.61 -21.14 -2.83
CA HIS B 111 3.08 -20.77 -4.14
C HIS B 111 4.18 -20.31 -5.09
N VAL B 112 5.33 -19.86 -4.56
CA VAL B 112 6.42 -19.40 -5.40
C VAL B 112 7.01 -20.56 -6.19
N THR B 113 7.29 -21.69 -5.49
CA THR B 113 8.01 -22.81 -6.07
C THR B 113 7.09 -24.00 -6.33
N LYS B 114 6.04 -24.14 -5.52
CA LYS B 114 5.11 -25.27 -5.55
C LYS B 114 5.87 -26.56 -5.26
N GLY B 115 6.93 -26.48 -4.45
CA GLY B 115 7.69 -27.65 -4.03
C GLY B 115 8.66 -28.18 -5.09
N SER B 116 8.97 -27.39 -6.14
CA SER B 116 9.97 -27.76 -7.13
C SER B 116 11.34 -27.76 -6.47
N ALA B 117 12.25 -28.59 -6.99
CA ALA B 117 13.65 -28.44 -6.70
C ALA B 117 14.16 -27.15 -7.31
N LEU B 118 15.17 -26.56 -6.66
CA LEU B 118 15.77 -25.31 -7.07
C LEU B 118 17.23 -25.55 -7.43
N ARG B 119 17.66 -24.96 -8.54
CA ARG B 119 19.09 -24.88 -8.85
C ARG B 119 19.67 -23.75 -8.00
N SER B 120 20.80 -24.01 -7.34
CA SER B 120 21.56 -22.97 -6.67
C SER B 120 22.97 -22.95 -7.26
N GLY B 121 23.16 -22.10 -8.28
CA GLY B 121 24.32 -22.15 -9.14
C GLY B 121 24.39 -23.48 -9.88
N GLU B 122 25.40 -24.29 -9.53
CA GLU B 122 25.62 -25.59 -10.15
C GLU B 122 24.83 -26.67 -9.41
N GLY B 123 24.63 -26.51 -8.09
CA GLY B 123 24.02 -27.53 -7.25
C GLY B 123 22.48 -27.46 -7.25
N ARG B 124 21.90 -28.37 -6.45
CA ARG B 124 20.47 -28.59 -6.41
C ARG B 124 20.00 -28.46 -4.95
N LEU B 125 18.89 -27.75 -4.73
CA LEU B 125 18.19 -27.73 -3.45
C LEU B 125 16.88 -28.49 -3.62
N ASP B 126 16.64 -29.47 -2.73
CA ASP B 126 15.39 -30.21 -2.71
C ASP B 126 14.55 -29.72 -1.53
N PRO B 127 13.21 -29.66 -1.65
CA PRO B 127 12.37 -29.20 -0.55
C PRO B 127 12.39 -30.18 0.62
N TYR B 128 12.43 -29.65 1.84
CA TYR B 128 12.49 -30.47 3.04
C TYR B 128 11.14 -30.47 3.75
N TRP B 129 10.46 -29.31 3.79
CA TRP B 129 9.22 -29.14 4.52
C TRP B 129 8.35 -28.10 3.82
N GLY B 130 7.04 -28.18 4.05
CA GLY B 130 6.10 -27.24 3.48
C GLY B 130 4.79 -27.22 4.26
N ASP B 131 4.01 -26.18 4.01
CA ASP B 131 2.64 -26.08 4.50
C ASP B 131 1.88 -25.20 3.52
N VAL B 132 0.95 -25.82 2.77
CA VAL B 132 0.25 -25.16 1.67
C VAL B 132 -0.72 -24.14 2.24
N LYS B 133 -1.39 -24.46 3.36
CA LYS B 133 -2.32 -23.55 4.02
C LYS B 133 -1.59 -22.26 4.38
N GLN B 134 -0.46 -22.38 5.11
CA GLN B 134 0.34 -21.25 5.56
C GLN B 134 1.17 -20.65 4.41
N ASP B 135 1.33 -21.40 3.31
CA ASP B 135 1.98 -20.96 2.09
C ASP B 135 3.49 -20.82 2.31
N LEU B 136 4.08 -21.82 2.99
CA LEU B 136 5.49 -21.79 3.39
C LEU B 136 6.17 -23.05 2.89
N VAL B 137 7.46 -22.93 2.54
CA VAL B 137 8.25 -24.05 2.08
C VAL B 137 9.71 -23.81 2.42
N SER B 138 10.41 -24.87 2.85
CA SER B 138 11.82 -24.81 3.19
C SER B 138 12.58 -25.86 2.39
N TYR B 139 13.88 -25.59 2.18
CA TYR B 139 14.78 -26.43 1.40
C TYR B 139 15.99 -26.77 2.27
N CYS B 140 16.39 -28.04 2.24
CA CYS B 140 17.63 -28.54 2.83
C CYS B 140 17.52 -28.75 4.35
N GLY B 141 16.43 -28.35 4.97
CA GLY B 141 16.29 -28.48 6.41
C GLY B 141 15.02 -27.82 6.91
N PRO B 142 14.70 -27.93 8.22
CA PRO B 142 13.48 -27.35 8.76
C PRO B 142 13.45 -25.83 8.77
N TRP B 143 12.25 -25.29 8.96
CA TRP B 143 12.01 -23.86 9.07
C TRP B 143 12.78 -23.30 10.25
N LYS B 144 13.68 -22.33 9.97
CA LYS B 144 14.55 -21.71 10.95
C LYS B 144 13.99 -20.38 11.46
N LEU B 145 13.07 -19.77 10.71
CA LEU B 145 12.63 -18.41 10.97
C LEU B 145 11.51 -18.45 12.01
N ASP B 146 11.86 -18.15 13.26
CA ASP B 146 10.96 -18.34 14.39
C ASP B 146 10.56 -17.00 15.02
N ALA B 147 11.14 -15.89 14.58
CA ALA B 147 10.82 -14.58 15.15
C ALA B 147 9.42 -14.15 14.71
N ALA B 148 8.81 -13.24 15.49
CA ALA B 148 7.50 -12.71 15.18
C ALA B 148 7.44 -11.21 15.49
N TRP B 149 6.51 -10.52 14.82
CA TRP B 149 6.23 -9.13 15.11
C TRP B 149 5.78 -8.98 16.56
N ASP B 150 6.26 -7.92 17.24
CA ASP B 150 5.98 -7.69 18.64
C ASP B 150 4.60 -7.07 18.87
N GLY B 151 3.98 -6.55 17.80
CA GLY B 151 2.61 -6.06 17.85
C GLY B 151 2.52 -4.54 18.02
N HIS B 152 3.66 -3.85 18.15
CA HIS B 152 3.66 -2.40 18.32
C HIS B 152 4.76 -1.70 17.51
N SER B 153 5.87 -2.37 17.21
CA SER B 153 7.04 -1.71 16.65
C SER B 153 6.92 -1.58 15.13
N GLU B 154 7.61 -0.56 14.61
CA GLU B 154 7.87 -0.45 13.18
C GLU B 154 8.80 -1.60 12.77
N VAL B 155 8.64 -2.04 11.52
CA VAL B 155 9.44 -3.12 10.94
C VAL B 155 10.09 -2.59 9.66
N GLN B 156 10.91 -3.42 9.01
CA GLN B 156 11.47 -3.07 7.71
C GLN B 156 11.23 -4.21 6.72
N LEU B 157 10.50 -3.89 5.64
CA LEU B 157 10.44 -4.77 4.49
C LEU B 157 11.72 -4.61 3.68
N LEU B 158 12.51 -5.69 3.55
CA LEU B 158 13.60 -5.75 2.59
C LEU B 158 13.04 -6.29 1.27
N ALA B 159 12.32 -5.43 0.55
CA ALA B 159 11.73 -5.76 -0.74
C ALA B 159 12.82 -5.97 -1.79
N VAL B 160 12.64 -7.03 -2.60
CA VAL B 160 13.52 -7.36 -3.70
C VAL B 160 12.64 -7.55 -4.94
N PRO B 161 12.18 -6.44 -5.60
CA PRO B 161 11.23 -6.55 -6.70
C PRO B 161 11.84 -7.06 -8.00
N PRO B 162 11.05 -7.61 -8.94
CA PRO B 162 11.57 -8.06 -10.23
C PRO B 162 12.35 -6.98 -10.99
N GLY B 163 13.60 -7.30 -11.33
CA GLY B 163 14.45 -6.46 -12.16
C GLY B 163 14.82 -5.13 -11.52
N GLU B 164 14.87 -5.08 -10.18
CA GLU B 164 15.22 -3.87 -9.46
C GLU B 164 16.04 -4.21 -8.22
N ARG B 165 16.73 -3.19 -7.69
CA ARG B 165 17.60 -3.33 -6.53
C ARG B 165 16.78 -3.67 -5.28
N ALA B 166 17.38 -4.46 -4.39
CA ALA B 166 16.94 -4.59 -3.02
C ALA B 166 16.87 -3.23 -2.36
N ARG B 167 15.96 -3.07 -1.38
CA ARG B 167 15.83 -1.85 -0.61
C ARG B 167 15.05 -2.15 0.67
N ASN B 168 15.35 -1.40 1.74
CA ASN B 168 14.64 -1.51 2.99
C ASN B 168 13.62 -0.38 3.06
N ILE B 169 12.37 -0.71 3.45
CA ILE B 169 11.35 0.29 3.70
C ILE B 169 10.86 0.10 5.13
N GLN B 170 11.02 1.13 5.95
CA GLN B 170 10.56 1.10 7.33
C GLN B 170 9.11 1.57 7.37
N THR B 171 8.28 0.85 8.13
CA THR B 171 6.86 1.14 8.20
C THR B 171 6.27 0.46 9.45
N LEU B 172 5.13 0.99 9.90
CA LEU B 172 4.34 0.39 10.96
C LEU B 172 3.31 -0.55 10.33
N PRO B 173 3.28 -1.86 10.66
CA PRO B 173 2.20 -2.74 10.21
C PRO B 173 0.81 -2.29 10.65
N GLY B 174 -0.16 -2.48 9.76
CA GLY B 174 -1.57 -2.27 10.06
C GLY B 174 -2.24 -3.60 10.37
N ILE B 175 -3.38 -3.53 11.08
CA ILE B 175 -4.17 -4.72 11.37
C ILE B 175 -5.48 -4.63 10.60
N PHE B 176 -5.74 -5.66 9.79
CA PHE B 176 -6.87 -5.74 8.90
C PHE B 176 -7.84 -6.77 9.46
N LYS B 177 -9.03 -6.31 9.88
CA LYS B 177 -10.03 -7.17 10.50
C LYS B 177 -10.84 -7.86 9.40
N THR B 178 -10.25 -8.89 8.77
CA THR B 178 -10.90 -9.64 7.72
C THR B 178 -11.90 -10.61 8.35
N LYS B 179 -12.75 -11.20 7.51
CA LYS B 179 -13.80 -12.11 7.96
C LYS B 179 -13.16 -13.37 8.59
N ASP B 180 -12.15 -13.93 7.92
CA ASP B 180 -11.47 -15.14 8.35
C ASP B 180 -10.74 -14.90 9.69
N GLY B 181 -10.02 -13.77 9.81
CA GLY B 181 -9.36 -13.41 11.07
C GLY B 181 -8.78 -11.99 11.02
N ASP B 182 -8.22 -11.54 12.15
CA ASP B 182 -7.43 -10.33 12.21
C ASP B 182 -6.04 -10.60 11.62
N ILE B 183 -5.64 -9.78 10.64
CA ILE B 183 -4.40 -10.00 9.91
C ILE B 183 -3.52 -8.75 10.01
N GLY B 184 -2.25 -8.96 10.39
CA GLY B 184 -1.24 -7.89 10.44
C GLY B 184 -0.43 -7.89 9.13
N ALA B 185 -0.24 -6.70 8.55
CA ALA B 185 0.39 -6.59 7.25
C ALA B 185 0.98 -5.20 7.04
N VAL B 186 2.09 -5.13 6.29
CA VAL B 186 2.70 -3.86 5.92
C VAL B 186 1.85 -3.25 4.82
N ALA B 187 1.58 -1.94 4.89
CA ALA B 187 0.84 -1.25 3.85
C ALA B 187 1.80 -0.80 2.75
N LEU B 188 2.44 -1.76 2.10
CA LEU B 188 3.36 -1.51 0.99
C LEU B 188 2.96 -2.44 -0.15
N ASP B 189 2.84 -1.87 -1.36
CA ASP B 189 2.43 -2.62 -2.54
C ASP B 189 3.63 -2.76 -3.47
N TYR B 190 3.98 -4.00 -3.80
CA TYR B 190 5.00 -4.33 -4.78
C TYR B 190 4.46 -5.44 -5.68
N PRO B 191 5.01 -5.62 -6.91
CA PRO B 191 4.54 -6.67 -7.81
C PRO B 191 4.66 -8.08 -7.21
N ALA B 192 3.95 -9.03 -7.83
CA ALA B 192 3.72 -10.35 -7.26
C ALA B 192 5.02 -11.15 -7.10
N GLY B 193 6.04 -10.88 -7.95
CA GLY B 193 7.33 -11.56 -7.86
C GLY B 193 8.24 -10.99 -6.76
N THR B 194 7.70 -10.07 -5.95
CA THR B 194 8.34 -9.61 -4.72
C THR B 194 8.00 -10.53 -3.54
N SER B 195 7.00 -11.40 -3.69
N SER B 195 6.99 -11.40 -3.68
CA SER B 195 6.51 -12.21 -2.59
CA SER B 195 6.50 -12.16 -2.55
C SER B 195 7.62 -13.13 -2.07
C SER B 195 7.55 -13.16 -2.08
N GLY B 196 7.72 -13.23 -0.74
CA GLY B 196 8.81 -13.96 -0.10
C GLY B 196 9.91 -13.02 0.41
N SER B 197 9.75 -11.71 0.17
CA SER B 197 10.71 -10.71 0.63
C SER B 197 10.63 -10.62 2.15
N PRO B 198 11.76 -10.70 2.88
CA PRO B 198 11.71 -10.73 4.34
C PRO B 198 11.31 -9.40 4.95
N ILE B 199 10.61 -9.50 6.08
CA ILE B 199 10.30 -8.36 6.91
C ILE B 199 11.09 -8.54 8.19
N LEU B 200 11.75 -7.46 8.66
CA LEU B 200 12.77 -7.52 9.69
C LEU B 200 12.32 -6.73 10.91
N ASP B 201 12.69 -7.22 12.09
CA ASP B 201 12.68 -6.44 13.31
C ASP B 201 14.03 -5.72 13.45
N LYS B 202 14.16 -4.87 14.48
CA LYS B 202 15.34 -4.03 14.65
C LYS B 202 16.55 -4.85 15.15
N CAF B 203 16.33 -6.10 15.59
CA CAF B 203 17.39 -7.08 15.83
CB CAF B 203 16.90 -8.17 16.73
C CAF B 203 17.88 -7.79 14.57
O CAF B 203 18.71 -8.69 14.67
SG CAF B 203 16.55 -7.59 18.37
AS CAF B 203 14.58 -6.65 18.65
CE1 CAF B 203 13.05 -7.01 17.63
CE2 CAF B 203 14.23 -7.17 20.44
O1 CAF B 203 14.99 -5.03 18.51
N GLY B 204 17.31 -7.46 13.40
CA GLY B 204 17.74 -8.02 12.13
C GLY B 204 17.09 -9.38 11.82
N ARG B 205 16.14 -9.82 12.66
CA ARG B 205 15.55 -11.15 12.50
C ARG B 205 14.35 -11.06 11.56
N VAL B 206 14.25 -12.05 10.66
CA VAL B 206 13.12 -12.15 9.74
C VAL B 206 11.89 -12.55 10.55
N ILE B 207 10.91 -11.63 10.63
CA ILE B 207 9.68 -11.82 11.38
C ILE B 207 8.53 -12.20 10.45
N GLY B 208 8.80 -12.37 9.16
CA GLY B 208 7.74 -12.66 8.20
C GLY B 208 8.24 -12.58 6.76
N LEU B 209 7.44 -13.14 5.84
CA LEU B 209 7.68 -12.98 4.42
C LEU B 209 6.55 -12.16 3.79
N TYR B 210 6.92 -11.33 2.82
CA TYR B 210 5.97 -10.45 2.15
C TYR B 210 5.05 -11.29 1.26
N GLY B 211 3.74 -11.10 1.40
CA GLY B 211 2.81 -11.66 0.45
C GLY B 211 1.46 -12.03 1.06
N ASN B 212 1.44 -12.54 2.30
CA ASN B 212 0.19 -13.04 2.89
C ASN B 212 -0.25 -12.18 4.07
N GLY B 213 0.65 -11.93 5.02
CA GLY B 213 0.28 -11.33 6.30
C GLY B 213 0.30 -12.39 7.39
N VAL B 214 0.03 -11.99 8.64
CA VAL B 214 0.21 -12.86 9.78
C VAL B 214 -1.09 -12.85 10.59
N VAL B 215 -1.59 -14.05 10.93
CA VAL B 215 -2.87 -14.19 11.62
C VAL B 215 -2.62 -13.91 13.10
N ILE B 216 -3.61 -13.28 13.76
CA ILE B 216 -3.51 -12.92 15.17
C ILE B 216 -4.75 -13.44 15.89
N LYS B 217 -4.54 -14.30 16.90
CA LYS B 217 -5.61 -14.79 17.77
C LYS B 217 -5.14 -14.71 19.23
C1 A1I16 C . -1.90 5.88 9.15
C2 A1I16 C . -0.54 5.24 9.21
C4 A1I16 C . 1.25 4.59 10.52
C6 A1I16 C . 1.40 4.18 8.23
C7 A1I16 C . 2.24 3.59 7.11
C8 A1I16 C . 0.12 4.75 8.06
C11 A1I16 C . -1.73 4.00 4.84
C12 A1I16 C . -1.52 5.19 4.19
C15 A1I16 C . -4.17 6.55 3.54
C16 A1I16 C . -4.67 7.83 3.46
C18 A1I16 C . -6.90 7.68 4.46
C21 A1I16 C . -9.15 7.91 5.48
C23 A1I16 C . -11.20 8.42 6.66
C24 A1I16 C . -11.51 7.08 6.75
C27 A1I16 C . -10.97 4.68 6.32
C34 A1I16 C . -0.31 6.02 6.00
N3 A1I16 C . 0.06 5.13 10.40
N5 A1I16 C . 1.90 4.12 9.47
C9 A1I16 C . -0.48 4.85 6.71
C10 A1I16 C . -1.20 3.81 6.12
C13 A1I16 C . -2.03 5.49 2.81
N14 A1I16 C . -2.96 6.60 2.95
N17 A1I16 C . -5.87 8.37 3.91
O19 A1I16 C . -6.84 6.47 4.57
N20 A1I16 C . -7.97 8.41 4.86
C22 A1I16 C . -10.03 8.84 6.03
C25 A1I16 C . -10.65 6.15 6.21
C26 A1I16 C . -9.48 6.55 5.59
F28 A1I16 C . -10.34 3.93 5.37
F29 A1I16 C . -12.31 4.46 6.15
F30 A1I16 C . -10.61 4.17 7.55
O31 A1I16 C . -3.72 8.53 2.84
N32 A1I16 C . -2.77 7.80 2.56
N33 A1I16 C . -0.82 6.15 4.79
C ACY D . -15.95 18.16 11.58
O ACY D . -15.85 18.33 10.36
OXT ACY D . -15.25 17.36 12.24
CH3 ACY D . -17.01 18.99 12.32
C1 A1I16 E . -4.13 -8.26 4.70
C2 A1I16 E . -5.26 -7.48 4.07
C4 A1I16 E . -7.54 -7.14 3.92
C6 A1I16 E . -6.19 -5.78 2.62
C7 A1I16 E . -6.12 -4.65 1.62
C8 A1I16 E . -5.04 -6.43 3.14
C11 A1I16 E . -1.67 -4.72 2.77
C12 A1I16 E . -1.16 -5.53 1.77
C15 A1I16 E . 1.39 -6.96 2.70
C16 A1I16 E . 2.00 -8.16 2.48
C18 A1I16 E . 2.89 -8.80 4.68
C21 A1I16 E . 3.82 -9.90 6.75
C23 A1I16 E . 4.55 -11.27 8.61
C24 A1I16 E . 4.52 -10.19 9.46
C27 A1I16 E . 4.07 -7.79 9.86
C34 A1I16 E . -3.09 -6.82 1.70
N3 A1I16 E . -6.50 -7.80 4.43
N5 A1I16 E . -7.39 -6.16 3.05
C9 A1I16 E . -3.67 -6.06 2.70
C10 A1I16 E . -2.95 -4.99 3.23
C13 A1I16 E . 0.22 -5.31 1.21
N14 A1I16 E . 0.96 -6.54 1.50
N17 A1I16 E . 2.60 -9.04 3.38
O19 A1I16 E . 2.65 -7.71 5.17
N20 A1I16 E . 3.47 -9.84 5.38
C22 A1I16 E . 4.22 -11.13 7.27
C25 A1I16 E . 4.14 -8.97 8.96
C26 A1I16 E . 3.79 -8.83 7.63
F28 A1I16 E . 4.10 -6.57 9.19
F29 A1I16 E . 5.07 -7.82 10.81
F30 A1I16 E . 2.86 -7.83 10.50
O31 A1I16 E . 1.86 -8.38 1.18
N32 A1I16 E . 1.28 -7.44 0.66
N33 A1I16 E . -1.86 -6.54 1.28
C ACY F . 16.53 -21.25 16.10
O ACY F . 16.55 -20.19 16.76
OXT ACY F . 17.05 -21.38 14.96
CH3 ACY F . 15.84 -22.47 16.71
C ACY G . 6.35 -22.96 11.41
O ACY G . 6.80 -21.90 10.94
OXT ACY G . 5.17 -23.11 11.75
CH3 ACY G . 7.30 -24.15 11.57
#